data_3DSH
#
_entry.id   3DSH
#
_cell.length_a   66.162
_cell.length_b   66.162
_cell.length_c   156.254
_cell.angle_alpha   90.00
_cell.angle_beta   90.00
_cell.angle_gamma   120.00
#
_symmetry.space_group_name_H-M   'P 31 2 1'
#
loop_
_entity.id
_entity.type
_entity.pdbx_description
1 polymer 'Interferon regulatory factor 5'
2 water water
#
_entity_poly.entity_id   1
_entity_poly.type   'polypeptide(L)'
_entity_poly.pdbx_seq_one_letter_code
;EQLLPDLLISPHMLPLTDLEIKFQYRGRPPRALTISNPHGCRLFYSQLEATQEQVELFGPISLEQVRFPSPEDIPSDKQR
FYTNQLLDVLDRGLILQLQGQDLYAIRLCQCKVFWSGPCASAHDSCPNPIQREVKTKLFSLEHFLNELILFQKGQTNTPP
PFEIFFCFGEEWPDRKPREKKLITVQVVPVAARLLLEMFSGELSWSADDIRLQISNPDLKDRMVEQFKELHHIWQSQQRL
QPVAQA
;
_entity_poly.pdbx_strand_id   A
#
# COMPACT_ATOMS: atom_id res chain seq x y z
N GLU A 1 -21.58 0.18 -16.42
CA GLU A 1 -20.27 0.13 -15.69
C GLU A 1 -19.09 -0.08 -16.64
N GLN A 2 -19.38 -0.46 -17.88
CA GLN A 2 -18.35 -0.69 -18.90
C GLN A 2 -17.62 0.58 -19.37
N LEU A 3 -18.21 1.74 -19.12
CA LEU A 3 -17.59 3.01 -19.50
C LEU A 3 -16.62 3.49 -18.43
N LEU A 4 -16.72 2.91 -17.25
CA LEU A 4 -16.00 3.41 -16.07
C LEU A 4 -14.46 3.39 -16.17
N PRO A 5 -13.88 2.26 -16.60
CA PRO A 5 -12.41 2.18 -16.71
C PRO A 5 -11.85 3.26 -17.64
N ASP A 6 -12.39 3.37 -18.85
CA ASP A 6 -12.05 4.46 -19.75
C ASP A 6 -12.24 5.84 -19.12
N LEU A 7 -13.33 6.03 -18.36
CA LEU A 7 -13.59 7.31 -17.72
C LEU A 7 -12.58 7.64 -16.62
N LEU A 8 -12.28 6.65 -15.77
CA LEU A 8 -11.58 6.92 -14.53
C LEU A 8 -10.07 6.69 -14.64
N ILE A 9 -9.65 5.68 -15.41
CA ILE A 9 -8.21 5.37 -15.48
C ILE A 9 -7.58 6.38 -16.42
N SER A 10 -7.31 7.57 -15.88
CA SER A 10 -6.88 8.68 -16.72
C SER A 10 -6.13 9.66 -15.84
N PRO A 11 -5.09 10.32 -16.39
CA PRO A 11 -4.27 11.19 -15.57
C PRO A 11 -5.05 12.38 -15.04
N HIS A 12 -6.10 12.80 -15.75
CA HIS A 12 -6.93 13.91 -15.30
C HIS A 12 -7.92 13.51 -14.22
N MET A 13 -7.99 12.20 -13.94
CA MET A 13 -8.90 11.70 -12.92
C MET A 13 -8.16 11.15 -11.70
N LEU A 14 -6.99 10.53 -11.94
CA LEU A 14 -6.25 9.86 -10.86
C LEU A 14 -4.73 10.14 -10.94
N PRO A 15 -4.02 10.05 -9.80
CA PRO A 15 -2.55 10.09 -9.86
C PRO A 15 -1.99 8.72 -10.20
N LEU A 16 -1.87 8.42 -11.50
CA LEU A 16 -1.65 7.06 -11.96
C LEU A 16 -0.25 6.51 -11.65
N THR A 17 0.69 7.38 -11.25
CA THR A 17 2.05 6.91 -10.96
C THR A 17 2.49 7.05 -9.50
N ASP A 18 1.59 7.50 -8.63
CA ASP A 18 1.96 7.78 -7.26
C ASP A 18 1.97 6.48 -6.44
N LEU A 19 3.07 6.21 -5.74
CA LEU A 19 3.12 5.10 -4.78
C LEU A 19 3.49 5.68 -3.43
N GLU A 20 2.75 5.32 -2.40
CA GLU A 20 3.21 5.57 -1.04
C GLU A 20 3.98 4.37 -0.56
N ILE A 21 5.13 4.64 0.05
CA ILE A 21 6.10 3.62 0.45
C ILE A 21 6.38 3.82 1.93
N LYS A 22 6.02 2.85 2.76
CA LYS A 22 6.19 2.97 4.20
C LYS A 22 7.27 1.97 4.68
N PHE A 23 8.40 2.45 5.18
CA PHE A 23 9.44 1.57 5.78
C PHE A 23 9.12 1.34 7.24
N GLN A 24 9.32 0.14 7.72
CA GLN A 24 9.12 -0.16 9.14
C GLN A 24 10.23 -1.09 9.67
N TYR A 25 10.99 -0.62 10.66
CA TYR A 25 11.94 -1.46 11.42
C TYR A 25 11.26 -1.86 12.73
N ARG A 26 11.52 -3.07 13.19
CA ARG A 26 10.86 -3.63 14.37
C ARG A 26 10.94 -2.67 15.53
N GLY A 27 9.77 -2.32 16.08
CA GLY A 27 9.74 -1.50 17.29
C GLY A 27 10.00 -0.02 17.08
N ARG A 28 10.11 0.43 15.83
CA ARG A 28 10.32 1.85 15.58
C ARG A 28 9.03 2.39 14.95
N PRO A 29 8.82 3.71 15.03
CA PRO A 29 7.72 4.28 14.22
C PRO A 29 8.03 4.04 12.74
N PRO A 30 6.98 3.92 11.92
CA PRO A 30 7.25 3.74 10.48
C PRO A 30 7.77 5.03 9.89
N ARG A 31 8.40 4.96 8.73
CA ARG A 31 8.82 6.14 7.98
C ARG A 31 8.26 6.03 6.55
N ALA A 32 7.48 7.02 6.11
CA ALA A 32 6.79 6.93 4.81
C ALA A 32 7.16 8.08 3.87
N LEU A 33 7.12 7.81 2.57
CA LEU A 33 7.18 8.86 1.55
C LEU A 33 6.30 8.49 0.37
N THR A 34 6.12 9.42 -0.54
CA THR A 34 5.37 9.19 -1.78
C THR A 34 6.30 9.51 -2.94
N ILE A 35 6.36 8.62 -3.92
CA ILE A 35 7.07 8.91 -5.17
C ILE A 35 6.07 8.98 -6.31
N SER A 36 6.39 9.76 -7.35
CA SER A 36 5.50 9.84 -8.50
C SER A 36 6.28 9.74 -9.81
N ASN A 37 7.50 9.28 -9.73
CA ASN A 37 8.31 8.91 -10.89
C ASN A 37 7.61 7.84 -11.74
N PRO A 38 7.30 8.16 -13.01
CA PRO A 38 6.54 7.24 -13.85
C PRO A 38 7.31 5.98 -14.27
N HIS A 39 8.63 5.98 -14.13
CA HIS A 39 9.41 4.77 -14.37
C HIS A 39 9.30 3.80 -13.20
N GLY A 40 9.04 4.34 -12.02
CA GLY A 40 9.04 3.55 -10.82
C GLY A 40 10.21 3.91 -9.93
N CYS A 41 10.55 3.01 -9.01
CA CYS A 41 11.56 3.26 -8.01
C CYS A 41 12.37 2.02 -7.72
N ARG A 42 13.42 2.17 -6.93
CA ARG A 42 14.26 1.07 -6.50
C ARG A 42 14.50 1.27 -5.05
N LEU A 43 14.12 0.29 -4.23
CA LEU A 43 14.38 0.39 -2.79
C LEU A 43 15.69 -0.33 -2.56
N PHE A 44 16.65 0.34 -1.93
CA PHE A 44 17.98 -0.25 -1.76
C PHE A 44 18.73 0.38 -0.59
N TYR A 45 19.86 -0.21 -0.24
CA TYR A 45 20.74 0.39 0.78
C TYR A 45 22.19 0.20 0.32
N SER A 46 22.88 1.30 0.06
CA SER A 46 24.22 1.21 -0.53
C SER A 46 25.03 2.50 -0.42
N GLN A 47 26.35 2.36 -0.37
CA GLN A 47 27.24 3.48 -0.51
C GLN A 47 27.47 3.80 -2.00
N LEU A 48 27.15 2.84 -2.86
CA LEU A 48 27.31 2.99 -4.33
C LEU A 48 26.05 3.53 -5.02
N GLU A 49 26.23 4.27 -6.11
CA GLU A 49 25.12 4.77 -6.92
C GLU A 49 24.87 3.93 -8.16
N ALA A 50 23.59 3.75 -8.51
CA ALA A 50 23.22 3.29 -9.85
C ALA A 50 23.94 4.13 -10.89
N THR A 51 24.53 3.49 -11.89
CA THR A 51 25.12 4.19 -13.01
C THR A 51 24.75 3.48 -14.31
N GLN A 52 24.99 4.16 -15.43
CA GLN A 52 24.66 3.62 -16.74
C GLN A 52 25.42 2.33 -17.03
N GLU A 53 26.70 2.29 -16.69
CA GLU A 53 27.55 1.15 -17.01
C GLU A 53 27.27 -0.09 -16.15
N GLN A 54 26.48 0.08 -15.10
CA GLN A 54 26.22 -1.02 -14.16
C GLN A 54 24.73 -1.36 -13.99
N VAL A 55 23.93 -1.15 -15.04
CA VAL A 55 22.49 -1.41 -15.00
C VAL A 55 22.16 -2.86 -14.69
N GLU A 56 23.05 -3.78 -15.08
CA GLU A 56 22.88 -5.18 -14.73
C GLU A 56 22.90 -5.36 -13.23
N LEU A 57 23.72 -4.58 -12.55
CA LEU A 57 23.87 -4.70 -11.10
C LEU A 57 22.78 -3.94 -10.33
N PHE A 58 22.53 -2.70 -10.75
CA PHE A 58 21.76 -1.75 -9.95
C PHE A 58 20.51 -1.23 -10.66
N GLY A 59 20.23 -1.74 -11.86
CA GLY A 59 19.01 -1.32 -12.56
C GLY A 59 19.15 0.04 -13.25
N PRO A 60 18.10 0.44 -13.99
CA PRO A 60 18.12 1.66 -14.79
C PRO A 60 18.24 2.92 -13.92
N ILE A 61 18.95 3.92 -14.43
CA ILE A 61 19.21 5.14 -13.67
C ILE A 61 17.98 6.03 -13.53
N SER A 62 16.92 5.69 -14.26
CA SER A 62 15.74 6.55 -14.29
C SER A 62 14.76 6.23 -13.16
N LEU A 63 14.96 5.08 -12.51
CA LEU A 63 14.12 4.73 -11.37
C LEU A 63 14.36 5.73 -10.26
N GLU A 64 13.31 6.06 -9.53
CA GLU A 64 13.49 6.81 -8.28
C GLU A 64 14.30 5.97 -7.28
N GLN A 65 15.41 6.55 -6.81
CA GLN A 65 16.36 5.83 -5.96
C GLN A 65 16.03 6.05 -4.48
N VAL A 66 15.38 5.07 -3.87
CA VAL A 66 14.84 5.29 -2.53
C VAL A 66 15.63 4.45 -1.50
N ARG A 67 16.43 5.09 -0.64
CA ARG A 67 17.27 4.36 0.29
C ARG A 67 16.45 3.93 1.49
N PHE A 68 16.68 2.70 1.96
CA PHE A 68 16.16 2.30 3.29
C PHE A 68 16.73 3.29 4.33
N PRO A 69 15.95 3.57 5.39
CA PRO A 69 16.41 4.48 6.46
C PRO A 69 17.62 3.91 7.24
N SER A 70 18.48 4.79 7.73
CA SER A 70 19.59 4.36 8.57
C SER A 70 18.99 3.59 9.74
N PRO A 71 19.63 2.49 10.15
CA PRO A 71 19.20 1.79 11.37
C PRO A 71 19.85 2.33 12.66
N GLU A 72 20.56 3.45 12.57
CA GLU A 72 21.26 4.03 13.73
C GLU A 72 20.46 4.15 15.03
N ASP A 73 19.19 4.52 14.92
CA ASP A 73 18.39 4.82 16.12
C ASP A 73 17.62 3.60 16.63
N ILE A 74 17.85 2.43 16.01
CA ILE A 74 17.40 1.18 16.63
C ILE A 74 18.16 1.01 17.96
N PRO A 75 17.45 1.07 19.12
CA PRO A 75 18.18 0.99 20.38
C PRO A 75 18.82 -0.37 20.69
N SER A 76 18.22 -1.48 20.27
CA SER A 76 18.81 -2.79 20.57
C SER A 76 20.04 -2.98 19.68
N ASP A 77 21.21 -3.13 20.28
CA ASP A 77 22.39 -3.51 19.50
C ASP A 77 22.16 -4.79 18.75
N LYS A 78 21.51 -5.77 19.37
CA LYS A 78 21.35 -7.07 18.67
C LYS A 78 20.44 -6.91 17.49
N GLN A 79 19.35 -6.20 17.66
CA GLN A 79 18.47 -5.94 16.54
C GLN A 79 19.18 -5.18 15.41
N ARG A 80 19.95 -4.14 15.75
CA ARG A 80 20.65 -3.28 14.77
C ARG A 80 21.77 -4.09 14.09
N PHE A 81 22.29 -5.07 14.80
CA PHE A 81 23.25 -6.01 14.21
C PHE A 81 22.63 -6.86 13.11
N TYR A 82 21.50 -7.50 13.39
CA TYR A 82 20.81 -8.26 12.35
C TYR A 82 20.39 -7.35 11.22
N THR A 83 19.91 -6.16 11.58
CA THR A 83 19.37 -5.25 10.59
C THR A 83 20.44 -4.81 9.59
N ASN A 84 21.62 -4.47 10.10
CA ASN A 84 22.80 -4.18 9.29
C ASN A 84 23.28 -5.32 8.40
N GLN A 85 23.16 -6.57 8.87
CA GLN A 85 23.45 -7.74 8.02
C GLN A 85 22.55 -7.80 6.82
N LEU A 86 21.30 -7.41 7.00
CA LEU A 86 20.36 -7.39 5.89
C LEU A 86 20.64 -6.20 4.97
N LEU A 87 20.90 -5.03 5.55
CA LEU A 87 21.14 -3.84 4.76
C LEU A 87 22.43 -4.04 3.95
N ASP A 88 23.39 -4.82 4.48
CA ASP A 88 24.63 -5.14 3.73
C ASP A 88 24.43 -5.94 2.46
N VAL A 89 23.32 -6.67 2.39
CA VAL A 89 22.97 -7.39 1.16
C VAL A 89 21.77 -6.78 0.42
N LEU A 90 21.57 -5.49 0.57
CA LEU A 90 20.48 -4.80 -0.11
C LEU A 90 21.02 -3.77 -1.13
N ASP A 91 22.29 -3.86 -1.50
CA ASP A 91 22.89 -2.86 -2.40
C ASP A 91 22.22 -2.75 -3.76
N ARG A 92 21.86 -3.88 -4.35
CA ARG A 92 21.28 -3.91 -5.69
C ARG A 92 19.77 -3.59 -5.69
N GLY A 93 19.10 -3.87 -4.58
CA GLY A 93 17.74 -3.33 -4.35
C GLY A 93 16.57 -4.10 -4.93
N LEU A 94 15.37 -3.56 -4.68
CA LEU A 94 14.14 -4.09 -5.18
C LEU A 94 13.49 -3.04 -6.07
N ILE A 95 13.33 -3.37 -7.33
CA ILE A 95 12.75 -2.47 -8.30
C ILE A 95 11.27 -2.65 -8.28
N LEU A 96 10.55 -1.53 -8.23
CA LEU A 96 9.10 -1.51 -8.37
C LEU A 96 8.77 -0.67 -9.60
N GLN A 97 8.22 -1.30 -10.63
CA GLN A 97 8.01 -0.59 -11.88
C GLN A 97 6.58 -0.74 -12.36
N LEU A 98 6.03 0.37 -12.84
CA LEU A 98 4.70 0.35 -13.42
C LEU A 98 4.78 -0.01 -14.88
N GLN A 99 3.89 -0.90 -15.26
CA GLN A 99 3.74 -1.29 -16.64
C GLN A 99 2.27 -1.05 -16.95
N GLY A 100 1.96 0.01 -17.70
CA GLY A 100 0.59 0.51 -17.78
C GLY A 100 0.15 0.83 -16.36
N GLN A 101 -0.90 0.17 -15.90
CA GLN A 101 -1.41 0.40 -14.54
C GLN A 101 -1.17 -0.81 -13.65
N ASP A 102 -0.32 -1.73 -14.12
CA ASP A 102 0.09 -2.85 -13.29
C ASP A 102 1.44 -2.54 -12.64
N LEU A 103 1.62 -3.01 -11.42
CA LEU A 103 2.86 -2.75 -10.70
C LEU A 103 3.59 -4.08 -10.58
N TYR A 104 4.89 -4.07 -10.90
CA TYR A 104 5.72 -5.26 -10.92
C TYR A 104 6.91 -5.07 -10.01
N ALA A 105 7.37 -6.16 -9.40
CA ALA A 105 8.63 -6.19 -8.70
C ALA A 105 9.73 -6.88 -9.55
N ILE A 106 10.97 -6.40 -9.47
CA ILE A 106 12.17 -7.12 -9.97
C ILE A 106 13.22 -7.06 -8.84
N ARG A 107 13.40 -8.19 -8.19
CA ARG A 107 14.36 -8.27 -7.10
C ARG A 107 15.76 -8.47 -7.70
N LEU A 108 16.69 -7.59 -7.34
CA LEU A 108 18.09 -7.70 -7.75
C LEU A 108 18.93 -8.02 -6.54
N CYS A 109 18.43 -7.69 -5.36
CA CYS A 109 19.22 -7.75 -4.14
C CYS A 109 19.49 -9.17 -3.71
N GLN A 110 20.63 -9.38 -3.03
CA GLN A 110 21.04 -10.70 -2.50
C GLN A 110 20.17 -11.09 -1.31
N CYS A 111 19.77 -10.08 -0.54
CA CYS A 111 18.76 -10.26 0.51
C CYS A 111 17.51 -10.95 -0.08
N LYS A 112 16.97 -11.98 0.57
CA LYS A 112 15.70 -12.46 0.08
C LYS A 112 14.54 -11.50 0.39
N VAL A 113 13.54 -11.48 -0.50
CA VAL A 113 12.35 -10.61 -0.35
C VAL A 113 11.08 -11.46 -0.44
N PHE A 114 10.23 -11.33 0.57
CA PHE A 114 8.97 -12.09 0.66
C PHE A 114 7.80 -11.12 0.63
N TRP A 115 6.62 -11.53 0.16
CA TRP A 115 5.55 -10.55 0.06
C TRP A 115 4.15 -11.11 0.19
N SER A 116 3.19 -10.20 0.33
CA SER A 116 1.76 -10.46 0.51
C SER A 116 1.19 -9.36 -0.37
N GLY A 117 0.09 -9.60 -1.09
CA GLY A 117 -0.50 -8.50 -1.85
C GLY A 117 -1.58 -8.94 -2.80
N PRO A 118 -2.13 -7.98 -3.56
CA PRO A 118 -3.32 -8.30 -4.36
C PRO A 118 -3.11 -9.44 -5.36
N CYS A 119 -1.95 -9.51 -6.01
CA CYS A 119 -1.72 -10.58 -6.99
C CYS A 119 -0.98 -11.80 -6.43
N ALA A 120 -0.76 -11.84 -5.12
CA ALA A 120 0.04 -12.92 -4.57
C ALA A 120 -0.73 -14.21 -4.57
N SER A 121 -0.03 -15.34 -4.72
CA SER A 121 -0.72 -16.62 -4.85
C SER A 121 -1.45 -17.03 -3.58
N ALA A 122 -2.58 -17.73 -3.76
CA ALA A 122 -3.38 -18.17 -2.63
C ALA A 122 -3.74 -19.64 -2.82
N HIS A 123 -2.72 -20.48 -2.90
CA HIS A 123 -2.92 -21.92 -3.03
C HIS A 123 -2.29 -22.68 -1.87
N ASP A 124 -1.30 -22.06 -1.21
CA ASP A 124 -0.67 -22.62 -0.01
C ASP A 124 -0.59 -21.58 1.11
N SER A 125 0.09 -21.93 2.20
CA SER A 125 0.17 -21.06 3.37
C SER A 125 1.61 -20.65 3.71
N CYS A 126 2.56 -21.23 2.98
CA CYS A 126 3.95 -21.04 3.32
C CYS A 126 4.44 -19.66 2.88
N PRO A 127 5.75 -19.43 3.03
CA PRO A 127 6.36 -18.18 2.60
C PRO A 127 6.24 -17.94 1.09
N ASN A 128 6.31 -16.67 0.71
CA ASN A 128 6.11 -16.29 -0.69
C ASN A 128 7.31 -15.42 -1.10
N PRO A 129 8.46 -16.06 -1.43
CA PRO A 129 9.66 -15.31 -1.79
C PRO A 129 9.56 -14.77 -3.21
N ILE A 130 10.15 -13.61 -3.45
CA ILE A 130 10.24 -13.08 -4.80
C ILE A 130 11.51 -13.71 -5.44
N GLN A 131 11.34 -14.30 -6.59
CA GLN A 131 12.46 -14.86 -7.36
C GLN A 131 13.32 -13.74 -7.96
N ARG A 132 14.63 -13.84 -7.76
CA ARG A 132 15.55 -12.83 -8.26
C ARG A 132 15.45 -12.73 -9.79
N GLU A 133 15.34 -11.51 -10.31
CA GLU A 133 15.40 -11.23 -11.77
C GLU A 133 14.17 -11.68 -12.56
N VAL A 134 13.10 -11.99 -11.84
CA VAL A 134 11.87 -12.44 -12.50
C VAL A 134 10.78 -11.39 -12.26
N LYS A 135 10.32 -10.75 -13.32
CA LYS A 135 9.33 -9.70 -13.23
C LYS A 135 8.09 -10.31 -12.55
N THR A 136 7.72 -9.78 -11.39
CA THR A 136 6.67 -10.38 -10.57
C THR A 136 5.48 -9.38 -10.41
N LYS A 137 4.33 -9.71 -10.95
CA LYS A 137 3.18 -8.80 -10.92
C LYS A 137 2.65 -8.67 -9.51
N LEU A 138 2.56 -7.45 -9.01
CA LEU A 138 2.08 -7.23 -7.64
C LEU A 138 0.62 -6.78 -7.58
N PHE A 139 0.18 -5.99 -8.56
CA PHE A 139 -1.11 -5.30 -8.44
C PHE A 139 -1.56 -4.91 -9.82
N SER A 140 -2.87 -5.05 -10.09
CA SER A 140 -3.46 -4.65 -11.33
C SER A 140 -4.60 -3.63 -11.08
N LEU A 141 -4.47 -2.42 -11.62
CA LEU A 141 -5.50 -1.42 -11.36
C LEU A 141 -6.78 -1.78 -12.13
N GLU A 142 -6.61 -2.31 -13.33
CA GLU A 142 -7.74 -2.82 -14.10
C GLU A 142 -8.58 -3.81 -13.30
N HIS A 143 -7.94 -4.82 -12.75
CA HIS A 143 -8.64 -5.81 -11.93
C HIS A 143 -9.22 -5.23 -10.64
N PHE A 144 -8.43 -4.39 -9.99
CA PHE A 144 -8.86 -3.66 -8.80
C PHE A 144 -10.18 -2.92 -9.05
N LEU A 145 -10.26 -2.26 -10.20
CA LEU A 145 -11.44 -1.47 -10.52
C LEU A 145 -12.62 -2.39 -10.81
N ASN A 146 -12.40 -3.49 -11.52
CA ASN A 146 -13.48 -4.46 -11.69
C ASN A 146 -14.08 -4.94 -10.35
N GLU A 147 -13.20 -5.30 -9.43
CA GLU A 147 -13.58 -5.72 -8.09
C GLU A 147 -14.26 -4.62 -7.28
N LEU A 148 -13.69 -3.41 -7.36
CA LEU A 148 -14.30 -2.23 -6.74
C LEU A 148 -15.77 -2.05 -7.18
N ILE A 149 -16.03 -2.27 -8.47
CA ILE A 149 -17.37 -2.16 -9.02
C ILE A 149 -18.35 -3.16 -8.38
N LEU A 150 -17.90 -4.39 -8.15
CA LEU A 150 -18.73 -5.41 -7.52
C LEU A 150 -18.97 -5.09 -6.05
N PHE A 151 -17.94 -4.68 -5.34
CA PHE A 151 -18.05 -4.19 -3.96
C PHE A 151 -19.12 -3.09 -3.85
N GLN A 152 -19.02 -2.06 -4.70
CA GLN A 152 -19.87 -0.90 -4.58
C GLN A 152 -21.33 -1.29 -4.84
N LYS A 153 -21.54 -2.26 -5.73
CA LYS A 153 -22.88 -2.74 -6.05
C LYS A 153 -23.40 -3.63 -4.95
N GLY A 154 -22.51 -3.99 -4.03
CA GLY A 154 -22.89 -4.84 -2.90
C GLY A 154 -22.87 -6.31 -3.27
N GLN A 155 -22.32 -6.63 -4.44
CA GLN A 155 -22.20 -8.01 -4.87
C GLN A 155 -21.16 -8.80 -4.05
N THR A 156 -20.18 -8.09 -3.50
CA THR A 156 -19.23 -8.64 -2.52
C THR A 156 -19.20 -7.76 -1.29
N ASN A 157 -18.98 -8.38 -0.13
CA ASN A 157 -18.79 -7.62 1.12
C ASN A 157 -17.33 -7.27 1.36
N THR A 158 -16.44 -7.76 0.53
CA THR A 158 -15.02 -7.55 0.79
C THR A 158 -14.45 -6.45 -0.11
N PRO A 159 -13.84 -5.43 0.50
CA PRO A 159 -13.30 -4.35 -0.31
C PRO A 159 -12.07 -4.88 -1.06
N PRO A 160 -11.86 -4.43 -2.31
CA PRO A 160 -10.76 -5.01 -3.07
C PRO A 160 -9.42 -4.54 -2.47
N PRO A 161 -8.42 -5.42 -2.41
CA PRO A 161 -7.15 -5.07 -1.77
C PRO A 161 -6.25 -4.26 -2.69
N PHE A 162 -5.48 -3.34 -2.11
CA PHE A 162 -4.51 -2.61 -2.90
C PHE A 162 -3.11 -2.55 -2.26
N GLU A 163 -3.00 -2.83 -0.96
CA GLU A 163 -1.73 -2.61 -0.26
C GLU A 163 -0.81 -3.83 -0.50
N ILE A 164 0.46 -3.56 -0.78
CA ILE A 164 1.47 -4.64 -0.99
C ILE A 164 2.46 -4.66 0.16
N PHE A 165 2.69 -5.83 0.74
CA PHE A 165 3.47 -5.91 1.96
C PHE A 165 4.75 -6.73 1.64
N PHE A 166 5.92 -6.14 1.87
CA PHE A 166 7.21 -6.83 1.66
C PHE A 166 7.86 -7.07 3.00
N CYS A 167 8.46 -8.24 3.18
CA CYS A 167 9.36 -8.43 4.32
C CYS A 167 10.77 -8.72 3.76
N PHE A 168 11.77 -7.96 4.17
CA PHE A 168 13.14 -8.17 3.69
C PHE A 168 13.92 -9.05 4.64
N GLY A 169 14.37 -10.20 4.17
CA GLY A 169 15.34 -10.96 4.99
C GLY A 169 14.75 -11.95 5.96
N GLU A 170 13.41 -12.04 6.02
CA GLU A 170 12.79 -13.04 6.86
C GLU A 170 11.53 -13.53 6.18
N GLU A 171 11.09 -14.73 6.52
CA GLU A 171 10.01 -15.38 5.75
C GLU A 171 8.69 -14.68 5.98
N TRP A 172 7.86 -14.65 4.94
CA TRP A 172 6.53 -14.05 5.00
C TRP A 172 5.73 -14.60 3.82
N PRO A 173 4.43 -14.94 4.03
CA PRO A 173 3.70 -15.01 5.29
C PRO A 173 4.25 -16.11 6.19
N ASP A 174 3.83 -16.08 7.45
CA ASP A 174 4.52 -16.74 8.54
C ASP A 174 3.54 -16.95 9.70
N ARG A 175 3.79 -17.93 10.54
CA ARG A 175 3.13 -18.00 11.86
C ARG A 175 3.32 -16.69 12.63
N LYS A 176 4.55 -16.21 12.64
CA LYS A 176 4.95 -15.14 13.53
C LYS A 176 4.44 -13.78 13.11
N PRO A 177 4.22 -12.89 14.09
CA PRO A 177 3.58 -11.61 13.86
C PRO A 177 4.48 -10.62 13.11
N ARG A 178 3.88 -9.72 12.33
CA ARG A 178 4.62 -8.69 11.62
C ARG A 178 5.38 -7.73 12.51
N GLU A 179 4.89 -7.57 13.75
CA GLU A 179 5.52 -6.69 14.71
C GLU A 179 6.94 -7.19 15.04
N LYS A 180 7.23 -8.45 14.77
CA LYS A 180 8.51 -8.99 15.16
C LYS A 180 9.49 -9.11 13.97
N LYS A 181 9.00 -8.81 12.78
CA LYS A 181 9.82 -8.73 11.54
C LYS A 181 10.77 -7.53 11.58
N LEU A 182 12.04 -7.78 11.31
CA LEU A 182 13.07 -6.73 11.36
C LEU A 182 12.85 -5.58 10.37
N ILE A 183 12.50 -5.94 9.14
CA ILE A 183 12.42 -4.96 8.05
C ILE A 183 11.21 -5.24 7.16
N THR A 184 10.21 -4.36 7.21
CA THR A 184 9.11 -4.52 6.30
C THR A 184 8.88 -3.21 5.54
N VAL A 185 8.22 -3.32 4.40
CA VAL A 185 7.90 -2.15 3.60
C VAL A 185 6.47 -2.37 3.13
N GLN A 186 5.63 -1.33 3.29
CA GLN A 186 4.29 -1.38 2.74
C GLN A 186 4.19 -0.40 1.57
N VAL A 187 3.61 -0.84 0.44
CA VAL A 187 3.50 -0.01 -0.75
C VAL A 187 2.01 0.12 -1.16
N VAL A 188 1.54 1.35 -1.31
CA VAL A 188 0.17 1.62 -1.74
C VAL A 188 0.14 2.33 -3.11
N PRO A 189 -0.55 1.75 -4.11
CA PRO A 189 -0.86 2.54 -5.31
C PRO A 189 -1.94 3.58 -5.00
N VAL A 190 -1.52 4.84 -4.87
CA VAL A 190 -2.41 5.89 -4.38
C VAL A 190 -3.69 5.98 -5.24
N ALA A 191 -3.59 5.80 -6.55
CA ALA A 191 -4.81 5.81 -7.44
C ALA A 191 -5.85 4.80 -6.95
N ALA A 192 -5.39 3.69 -6.42
CA ALA A 192 -6.32 2.66 -5.96
C ALA A 192 -7.06 3.09 -4.69
N ARG A 193 -6.33 3.58 -3.70
CA ARG A 193 -6.98 4.14 -2.53
C ARG A 193 -7.97 5.25 -2.84
N LEU A 194 -7.58 6.22 -3.66
CA LEU A 194 -8.49 7.24 -4.16
C LEU A 194 -9.77 6.67 -4.80
N LEU A 195 -9.61 5.62 -5.59
CA LEU A 195 -10.77 5.05 -6.28
C LEU A 195 -11.68 4.39 -5.28
N LEU A 196 -11.11 3.69 -4.28
CA LEU A 196 -11.95 3.06 -3.26
C LEU A 196 -12.77 4.12 -2.50
N GLU A 197 -12.13 5.25 -2.18
CA GLU A 197 -12.80 6.36 -1.49
C GLU A 197 -13.93 6.96 -2.30
N MET A 198 -13.62 7.20 -3.57
CA MET A 198 -14.57 7.71 -4.53
C MET A 198 -15.78 6.81 -4.63
N PHE A 199 -15.56 5.52 -4.81
CA PHE A 199 -16.69 4.61 -4.97
C PHE A 199 -17.47 4.43 -3.64
N SER A 200 -16.75 4.43 -2.53
CA SER A 200 -17.40 4.25 -1.23
C SER A 200 -18.37 5.40 -0.94
N GLY A 201 -18.02 6.58 -1.45
CA GLY A 201 -18.80 7.80 -1.29
C GLY A 201 -19.88 8.02 -2.33
N GLU A 202 -20.18 6.98 -3.11
CA GLU A 202 -21.30 7.00 -4.04
C GLU A 202 -22.32 5.95 -3.65
N LEU A 203 -23.52 6.40 -3.24
CA LEU A 203 -24.61 5.51 -2.83
C LEU A 203 -25.59 5.37 -3.98
N SER A 204 -26.55 4.47 -3.83
CA SER A 204 -27.66 4.34 -4.80
C SER A 204 -28.88 5.25 -4.47
N TRP A 205 -29.59 5.72 -5.49
CA TRP A 205 -30.89 6.35 -5.20
C TRP A 205 -31.91 5.28 -4.79
N SER A 206 -31.82 4.10 -5.41
CA SER A 206 -32.84 3.07 -5.26
C SER A 206 -32.54 2.07 -4.12
N ALA A 207 -31.34 1.49 -4.13
CA ALA A 207 -30.99 0.43 -3.18
C ALA A 207 -30.54 1.03 -1.85
N ASP A 208 -31.48 1.54 -1.07
CA ASP A 208 -31.17 2.17 0.22
C ASP A 208 -30.87 1.14 1.32
N ASP A 209 -29.59 0.96 1.61
CA ASP A 209 -29.15 -0.19 2.42
C ASP A 209 -28.94 0.22 3.87
N ILE A 210 -29.41 1.41 4.22
CA ILE A 210 -28.97 2.06 5.44
C ILE A 210 -30.09 2.16 6.49
N ARG A 211 -29.84 1.58 7.65
CA ARG A 211 -30.84 1.56 8.71
C ARG A 211 -30.23 2.27 9.90
N LEU A 212 -30.57 3.53 10.13
CA LEU A 212 -29.93 4.25 11.22
C LEU A 212 -30.35 3.69 12.58
N GLN A 213 -29.42 3.72 13.53
CA GLN A 213 -29.69 3.14 14.86
C GLN A 213 -29.70 4.25 15.92
N ILE A 214 -30.88 4.59 16.41
CA ILE A 214 -31.03 5.76 17.25
C ILE A 214 -32.06 5.38 18.32
N SER A 215 -31.74 5.50 19.61
CA SER A 215 -32.69 5.21 20.70
C SER A 215 -33.93 6.13 20.66
N ASN A 216 -35.03 5.69 21.28
CA ASN A 216 -36.17 6.60 21.50
C ASN A 216 -35.73 7.68 22.48
N PRO A 217 -36.29 8.89 22.34
CA PRO A 217 -35.88 9.95 23.25
C PRO A 217 -36.38 9.76 24.68
N ASP A 218 -35.51 9.96 25.66
CA ASP A 218 -35.96 9.97 27.04
C ASP A 218 -36.20 11.43 27.40
N LEU A 219 -36.56 11.72 28.64
CA LEU A 219 -36.88 13.10 29.01
C LEU A 219 -35.66 14.00 28.89
N LYS A 220 -34.47 13.44 29.11
CA LYS A 220 -33.26 14.20 28.86
C LYS A 220 -33.09 14.59 27.41
N ASP A 221 -33.35 13.65 26.50
CA ASP A 221 -33.30 13.98 25.08
C ASP A 221 -34.27 15.08 24.75
N ARG A 222 -35.46 14.97 25.34
CA ARG A 222 -36.50 15.96 25.08
C ARG A 222 -36.10 17.36 25.55
N MET A 223 -35.44 17.44 26.71
CA MET A 223 -34.97 18.73 27.19
C MET A 223 -33.90 19.29 26.26
N VAL A 224 -32.98 18.42 25.81
CA VAL A 224 -31.96 18.85 24.85
C VAL A 224 -32.63 19.39 23.60
N GLU A 225 -33.57 18.64 23.04
CA GLU A 225 -34.22 19.12 21.82
C GLU A 225 -34.87 20.48 22.03
N GLN A 226 -35.44 20.70 23.21
CA GLN A 226 -36.09 21.98 23.44
C GLN A 226 -35.07 23.11 23.55
N PHE A 227 -33.90 22.82 24.11
CA PHE A 227 -32.82 23.80 24.19
C PHE A 227 -32.30 24.14 22.80
N LYS A 228 -32.27 23.14 21.91
CA LYS A 228 -31.87 23.34 20.51
C LYS A 228 -32.88 24.23 19.76
N GLU A 229 -34.15 23.95 19.99
CA GLU A 229 -35.25 24.77 19.47
C GLU A 229 -35.16 26.22 19.93
N LEU A 230 -34.92 26.43 21.22
CA LEU A 230 -34.74 27.76 21.77
C LEU A 230 -33.50 28.45 21.20
N HIS A 231 -32.43 27.70 20.99
CA HIS A 231 -31.22 28.28 20.42
C HIS A 231 -31.44 28.69 18.96
N HIS A 232 -32.12 27.84 18.19
CA HIS A 232 -32.45 28.20 16.83
C HIS A 232 -33.31 29.48 16.82
N ILE A 233 -34.37 29.50 17.62
CA ILE A 233 -35.14 30.74 17.81
C ILE A 233 -34.22 31.94 18.10
N TRP A 234 -33.38 31.83 19.12
CA TRP A 234 -32.50 32.94 19.48
C TRP A 234 -31.56 33.42 18.35
N GLN A 235 -31.05 32.49 17.55
CA GLN A 235 -30.33 32.87 16.34
C GLN A 235 -31.25 33.64 15.38
N SER A 236 -30.91 34.88 15.09
CA SER A 236 -31.84 35.86 14.51
C SER A 236 -32.39 36.81 15.58
#